data_2C95
#
_entry.id   2C95
#
_cell.length_a   62.535
_cell.length_b   69.998
_cell.length_c   88.558
_cell.angle_alpha   90.00
_cell.angle_beta   90.00
_cell.angle_gamma   90.00
#
_symmetry.space_group_name_H-M   'P 21 21 21'
#
loop_
_entity.id
_entity.type
_entity.pdbx_description
1 polymer 'ADENYLATE KINASE 1'
2 non-polymer "BIS(ADENOSINE)-5'-TETRAPHOSPHATE"
3 non-polymer 'MALONATE ION'
4 water water
#
_entity_poly.entity_id   1
_entity_poly.type   'polypeptide(L)'
_entity_poly.pdbx_seq_one_letter_code
;SMEEKLKKTNIIFVVGGPGSGKGTQCEKIVQKYGYTHLSTGDLLRSEVSSGSARGKKLSEIMEKGQLVPLETVLDMLRDA
MVAKVNTSKGFLIDGYPREVQQGEEFERRIGQPTLLLYVDAGPETMTQRLLKRGETSGRVDDNEETIKKRLETYYKATEP
VIAFYEKRGIVRKVNAEGSVDSVFSQVCTHLDALLN
;
_entity_poly.pdbx_strand_id   A,B
#
# COMPACT_ATOMS: atom_id res chain seq x y z
N SER A 1 -5.79 -11.16 23.04
CA SER A 1 -6.98 -10.34 22.66
C SER A 1 -6.66 -9.19 21.69
N MET A 2 -7.73 -8.70 21.07
CA MET A 2 -7.68 -7.53 20.21
C MET A 2 -7.13 -6.37 20.99
N GLU A 3 -7.80 -6.05 22.09
CA GLU A 3 -7.42 -4.91 22.92
C GLU A 3 -5.94 -4.99 23.32
N GLU A 4 -5.44 -6.19 23.58
CA GLU A 4 -4.03 -6.33 23.97
C GLU A 4 -3.05 -6.07 22.82
N LYS A 5 -3.33 -6.67 21.67
CA LYS A 5 -2.49 -6.47 20.47
C LYS A 5 -2.46 -4.99 20.05
N LEU A 6 -3.62 -4.35 20.04
CA LEU A 6 -3.74 -2.96 19.63
C LEU A 6 -3.00 -1.96 20.49
N LYS A 7 -2.68 -2.34 21.72
CA LYS A 7 -1.91 -1.47 22.59
C LYS A 7 -0.48 -1.20 22.06
N LYS A 8 0.04 -2.09 21.22
CA LYS A 8 1.36 -1.91 20.60
C LYS A 8 1.32 -1.35 19.16
N THR A 9 0.13 -1.04 18.66
CA THR A 9 -0.03 -0.51 17.30
C THR A 9 -0.75 0.83 17.37
N ASN A 10 -0.25 1.82 16.65
CA ASN A 10 -0.88 3.11 16.62
C ASN A 10 -2.18 3.13 15.84
N ILE A 11 -3.14 3.85 16.41
CA ILE A 11 -4.43 4.11 15.79
C ILE A 11 -4.57 5.63 15.53
N ILE A 12 -4.82 6.01 14.28
CA ILE A 12 -5.01 7.41 13.89
C ILE A 12 -6.41 7.58 13.32
N PHE A 13 -7.23 8.38 13.98
CA PHE A 13 -8.55 8.73 13.41
C PHE A 13 -8.35 9.86 12.40
N VAL A 14 -8.91 9.72 11.19
CA VAL A 14 -8.83 10.75 10.16
C VAL A 14 -10.28 11.21 9.89
N VAL A 15 -10.55 12.47 10.25
CA VAL A 15 -11.88 13.01 10.25
C VAL A 15 -11.95 14.28 9.39
N GLY A 16 -12.90 14.31 8.47
CA GLY A 16 -13.17 15.50 7.70
C GLY A 16 -14.56 15.40 7.11
N GLY A 17 -15.00 16.50 6.53
CA GLY A 17 -16.31 16.52 5.87
C GLY A 17 -16.39 15.72 4.59
N PRO A 18 -17.61 15.59 4.04
CA PRO A 18 -17.67 14.85 2.77
C PRO A 18 -17.06 15.63 1.61
N GLY A 19 -16.16 15.02 0.87
CA GLY A 19 -15.43 15.76 -0.15
C GLY A 19 -14.28 16.58 0.42
N SER A 20 -13.92 16.37 1.69
CA SER A 20 -12.79 17.10 2.31
C SER A 20 -11.45 16.64 1.71
N GLY A 21 -11.46 15.49 1.05
CA GLY A 21 -10.22 14.88 0.60
C GLY A 21 -9.58 13.91 1.60
N LYS A 22 -10.30 13.58 2.66
CA LYS A 22 -9.78 12.63 3.68
C LYS A 22 -9.31 11.29 3.11
N GLY A 23 -10.10 10.71 2.20
CA GLY A 23 -9.73 9.43 1.59
C GLY A 23 -8.52 9.50 0.69
N THR A 24 -8.50 10.53 -0.16
CA THR A 24 -7.36 10.83 -0.99
C THR A 24 -6.06 10.95 -0.20
N GLN A 25 -6.12 11.67 0.91
CA GLN A 25 -4.95 11.88 1.78
C GLN A 25 -4.53 10.59 2.49
N CYS A 26 -5.50 9.82 2.99
CA CYS A 26 -5.21 8.50 3.56
C CYS A 26 -4.47 7.58 2.59
N GLU A 27 -4.83 7.59 1.30
CA GLU A 27 -4.11 6.78 0.34
C GLU A 27 -2.63 7.23 0.15
N LYS A 28 -2.35 8.52 0.25
CA LYS A 28 -0.96 9.02 0.19
C LYS A 28 -0.16 8.66 1.47
N ILE A 29 -0.83 8.70 2.62
CA ILE A 29 -0.25 8.26 3.91
C ILE A 29 0.14 6.77 3.81
N VAL A 30 -0.73 5.94 3.23
CA VAL A 30 -0.40 4.54 3.05
C VAL A 30 0.88 4.39 2.21
N GLN A 31 0.97 5.12 1.09
CA GLN A 31 2.11 5.02 0.20
C GLN A 31 3.39 5.36 0.91
N LYS A 32 3.37 6.44 1.70
CA LYS A 32 4.58 6.93 2.33
C LYS A 32 4.98 6.15 3.59
N TYR A 33 3.99 5.92 4.47
CA TYR A 33 4.27 5.40 5.83
C TYR A 33 3.86 3.92 6.02
N GLY A 34 3.08 3.36 5.10
CA GLY A 34 2.71 1.95 5.17
C GLY A 34 1.74 1.54 6.27
N TYR A 35 0.90 2.48 6.68
CA TYR A 35 -0.21 2.18 7.58
C TYR A 35 -1.33 1.43 6.79
N THR A 36 -2.22 0.81 7.56
CA THR A 36 -3.43 0.16 7.02
C THR A 36 -4.60 1.14 6.96
N HIS A 37 -5.11 1.40 5.75
CA HIS A 37 -6.23 2.33 5.55
C HIS A 37 -7.54 1.57 5.60
N LEU A 38 -8.38 1.87 6.61
CA LEU A 38 -9.71 1.27 6.71
C LEU A 38 -10.73 2.39 6.61
N SER A 39 -11.62 2.26 5.63
CA SER A 39 -12.67 3.26 5.47
C SER A 39 -14.04 2.64 5.78
N THR A 40 -14.78 3.18 6.73
CA THR A 40 -16.09 2.63 7.10
C THR A 40 -17.06 2.72 5.90
N GLY A 41 -16.99 3.82 5.16
CA GLY A 41 -17.75 3.93 3.93
C GLY A 41 -17.46 2.88 2.90
N ASP A 42 -16.17 2.56 2.71
CA ASP A 42 -15.79 1.47 1.80
CA ASP A 42 -15.79 1.49 1.80
C ASP A 42 -16.38 0.13 2.27
N LEU A 43 -16.24 -0.15 3.56
CA LEU A 43 -16.83 -1.38 4.14
C LEU A 43 -18.35 -1.44 3.92
N LEU A 44 -19.04 -0.34 4.20
CA LEU A 44 -20.50 -0.26 3.97
C LEU A 44 -20.88 -0.43 2.49
N ARG A 45 -20.15 0.21 1.59
CA ARG A 45 -20.42 0.05 0.16
C ARG A 45 -20.18 -1.37 -0.38
N SER A 46 -19.17 -2.08 0.17
CA SER A 46 -18.93 -3.50 -0.23
C SER A 46 -20.14 -4.38 0.14
N GLU A 47 -20.76 -4.08 1.29
CA GLU A 47 -21.95 -4.78 1.75
C GLU A 47 -23.19 -4.43 0.91
N VAL A 48 -23.27 -3.20 0.41
CA VAL A 48 -24.27 -2.87 -0.62
C VAL A 48 -24.07 -3.69 -1.90
N SER A 49 -22.82 -3.75 -2.38
CA SER A 49 -22.47 -4.53 -3.55
C SER A 49 -22.80 -6.02 -3.46
N SER A 50 -22.78 -6.57 -2.25
CA SER A 50 -23.04 -7.98 -2.00
C SER A 50 -24.49 -8.35 -2.31
N GLY A 51 -25.37 -7.35 -2.30
CA GLY A 51 -26.79 -7.61 -2.55
C GLY A 51 -27.54 -8.27 -1.41
N SER A 52 -26.95 -8.32 -0.22
CA SER A 52 -27.64 -8.78 0.98
C SER A 52 -28.80 -7.86 1.35
N ALA A 53 -29.73 -8.38 2.15
CA ALA A 53 -30.83 -7.61 2.67
C ALA A 53 -30.29 -6.44 3.49
N ARG A 54 -29.23 -6.68 4.25
CA ARG A 54 -28.56 -5.58 4.96
C ARG A 54 -28.00 -4.49 4.03
N GLY A 55 -27.33 -4.91 2.96
CA GLY A 55 -26.83 -3.97 1.98
C GLY A 55 -27.93 -3.05 1.45
N LYS A 56 -29.12 -3.60 1.30
CA LYS A 56 -30.27 -2.83 0.85
C LYS A 56 -30.58 -1.71 1.85
N LYS A 57 -30.69 -2.09 3.12
CA LYS A 57 -30.96 -1.10 4.17
C LYS A 57 -29.83 -0.04 4.30
N LEU A 58 -28.58 -0.46 4.17
CA LEU A 58 -27.44 0.47 4.15
C LEU A 58 -27.46 1.48 2.97
N SER A 59 -27.80 1.02 1.76
CA SER A 59 -27.89 1.95 0.61
C SER A 59 -28.99 2.99 0.87
N GLU A 60 -30.11 2.58 1.44
CA GLU A 60 -31.17 3.53 1.76
C GLU A 60 -30.70 4.66 2.72
N ILE A 61 -29.97 4.29 3.78
CA ILE A 61 -29.43 5.24 4.75
C ILE A 61 -28.38 6.18 4.11
N MET A 62 -27.41 5.60 3.38
CA MET A 62 -26.35 6.40 2.75
C MET A 62 -26.90 7.32 1.66
N GLU A 63 -27.89 6.85 0.92
CA GLU A 63 -28.52 7.64 -0.14
C GLU A 63 -29.39 8.79 0.39
N LYS A 64 -29.75 8.72 1.68
CA LYS A 64 -30.43 9.79 2.40
C LYS A 64 -29.42 10.74 3.08
N GLY A 65 -28.12 10.42 3.00
CA GLY A 65 -27.06 11.23 3.62
C GLY A 65 -26.97 11.09 5.13
N GLN A 66 -27.51 10.00 5.67
CA GLN A 66 -27.56 9.83 7.13
C GLN A 66 -26.52 8.88 7.65
N LEU A 67 -26.36 8.85 8.96
CA LEU A 67 -25.39 7.92 9.61
C LEU A 67 -25.98 6.53 9.79
N VAL A 68 -25.24 5.50 9.37
CA VAL A 68 -25.60 4.08 9.64
C VAL A 68 -25.57 3.87 11.19
N PRO A 69 -26.45 3.01 11.75
CA PRO A 69 -26.34 2.77 13.18
C PRO A 69 -24.95 2.33 13.66
N LEU A 70 -24.64 2.80 14.87
CA LEU A 70 -23.31 2.73 15.47
C LEU A 70 -22.80 1.30 15.57
N GLU A 71 -23.63 0.41 16.13
CA GLU A 71 -23.22 -1.00 16.28
C GLU A 71 -22.91 -1.71 14.96
N THR A 72 -23.68 -1.42 13.92
CA THR A 72 -23.45 -2.02 12.60
C THR A 72 -22.07 -1.61 12.08
N VAL A 73 -21.76 -0.32 12.13
CA VAL A 73 -20.50 0.18 11.59
CA VAL A 73 -20.52 0.19 11.59
C VAL A 73 -19.30 -0.18 12.47
N LEU A 74 -19.46 -0.13 13.79
CA LEU A 74 -18.37 -0.50 14.69
C LEU A 74 -18.00 -2.01 14.57
N ASP A 75 -19.00 -2.88 14.38
CA ASP A 75 -18.71 -4.30 14.19
C ASP A 75 -17.97 -4.57 12.90
N MET A 76 -18.36 -3.90 11.83
CA MET A 76 -17.65 -4.05 10.56
C MET A 76 -16.20 -3.57 10.65
N LEU A 77 -15.98 -2.44 11.32
CA LEU A 77 -14.63 -1.88 11.51
C LEU A 77 -13.75 -2.82 12.34
N ARG A 78 -14.30 -3.30 13.44
CA ARG A 78 -13.66 -4.27 14.32
C ARG A 78 -13.20 -5.54 13.56
N ASP A 79 -14.08 -6.09 12.74
CA ASP A 79 -13.71 -7.23 11.94
C ASP A 79 -12.56 -6.91 10.97
N ALA A 80 -12.62 -5.75 10.33
CA ALA A 80 -11.59 -5.32 9.43
C ALA A 80 -10.27 -5.21 10.15
N MET A 81 -10.26 -4.67 11.38
CA MET A 81 -9.03 -4.63 12.19
C MET A 81 -8.49 -5.99 12.60
N VAL A 82 -9.36 -6.90 13.06
CA VAL A 82 -8.93 -8.23 13.49
C VAL A 82 -8.20 -8.94 12.36
N ALA A 83 -8.71 -8.74 11.15
CA ALA A 83 -8.14 -9.39 9.97
C ALA A 83 -6.71 -8.94 9.66
N LYS A 84 -6.30 -7.78 10.17
CA LYS A 84 -4.96 -7.24 9.86
C LYS A 84 -4.09 -6.99 11.08
N VAL A 85 -4.64 -7.16 12.28
CA VAL A 85 -3.91 -6.86 13.53
C VAL A 85 -2.54 -7.56 13.68
N ASN A 86 -2.34 -8.73 13.10
CA ASN A 86 -1.06 -9.43 13.31
C ASN A 86 0.06 -8.97 12.40
N THR A 87 -0.29 -8.23 11.33
CA THR A 87 0.69 -7.71 10.38
C THR A 87 0.74 -6.19 10.26
N SER A 88 -0.26 -5.49 10.80
CA SER A 88 -0.37 -4.05 10.59
C SER A 88 0.75 -3.31 11.30
N LYS A 89 1.27 -2.27 10.66
CA LYS A 89 2.24 -1.40 11.27
C LYS A 89 1.58 -0.16 11.86
N GLY A 90 0.26 -0.10 11.77
CA GLY A 90 -0.52 1.06 12.25
C GLY A 90 -1.82 1.20 11.48
N PHE A 91 -2.86 1.75 12.10
CA PHE A 91 -4.19 1.84 11.46
C PHE A 91 -4.56 3.29 11.19
N LEU A 92 -5.05 3.56 9.97
CA LEU A 92 -5.70 4.83 9.63
C LEU A 92 -7.17 4.55 9.53
N ILE A 93 -7.93 5.03 10.50
CA ILE A 93 -9.39 4.88 10.50
C ILE A 93 -10.02 6.12 9.84
N ASP A 94 -10.50 5.91 8.61
CA ASP A 94 -10.99 6.99 7.75
C ASP A 94 -12.51 7.09 7.82
N GLY A 95 -13.04 8.18 8.40
CA GLY A 95 -14.50 8.38 8.47
C GLY A 95 -15.19 7.76 9.65
N TYR A 96 -14.41 7.32 10.63
CA TYR A 96 -14.95 6.96 11.97
C TYR A 96 -13.97 7.56 12.97
N PRO A 97 -14.44 8.16 14.08
CA PRO A 97 -15.79 8.33 14.56
C PRO A 97 -16.48 9.52 13.92
N ARG A 98 -17.76 9.36 13.62
CA ARG A 98 -18.55 10.43 12.99
C ARG A 98 -19.58 11.04 13.95
N GLU A 99 -19.65 10.53 15.17
CA GLU A 99 -20.41 11.16 16.24
C GLU A 99 -19.67 10.86 17.53
N VAL A 100 -19.95 11.63 18.56
CA VAL A 100 -19.21 11.50 19.84
C VAL A 100 -19.35 10.10 20.47
N GLN A 101 -20.55 9.52 20.43
CA GLN A 101 -20.77 8.17 20.94
C GLN A 101 -19.95 7.11 20.22
N GLN A 102 -19.69 7.33 18.94
CA GLN A 102 -18.86 6.39 18.19
C GLN A 102 -17.41 6.35 18.72
N GLY A 103 -16.88 7.51 19.13
CA GLY A 103 -15.56 7.57 19.73
C GLY A 103 -15.55 6.89 21.10
N GLU A 104 -16.55 7.20 21.93
CA GLU A 104 -16.69 6.54 23.25
C GLU A 104 -16.77 5.03 23.20
N GLU A 105 -17.57 4.51 22.27
CA GLU A 105 -17.72 3.07 22.14
CA GLU A 105 -17.71 3.07 22.15
C GLU A 105 -16.44 2.41 21.63
N PHE A 106 -15.82 3.02 20.63
CA PHE A 106 -14.54 2.51 20.10
C PHE A 106 -13.44 2.41 21.21
N GLU A 107 -13.33 3.46 22.03
CA GLU A 107 -12.34 3.47 23.07
C GLU A 107 -12.68 2.49 24.19
N ARG A 108 -13.96 2.28 24.48
CA ARG A 108 -14.35 1.33 25.49
C ARG A 108 -14.12 -0.11 25.04
N ARG A 109 -14.30 -0.39 23.75
CA ARG A 109 -14.40 -1.78 23.28
C ARG A 109 -13.26 -2.26 22.40
N ILE A 110 -12.54 -1.34 21.76
CA ILE A 110 -11.45 -1.72 20.79
C ILE A 110 -10.08 -1.19 21.24
N GLY A 111 -9.95 0.13 21.28
CA GLY A 111 -8.65 0.74 21.59
C GLY A 111 -8.67 2.25 21.63
N GLN A 112 -7.53 2.87 21.95
CA GLN A 112 -7.46 4.32 22.07
C GLN A 112 -6.62 4.94 20.96
N PRO A 113 -7.08 6.06 20.41
CA PRO A 113 -6.34 6.74 19.35
C PRO A 113 -5.08 7.44 19.88
N THR A 114 -4.03 7.40 19.05
CA THR A 114 -2.81 8.18 19.29
C THR A 114 -3.00 9.62 18.82
N LEU A 115 -3.77 9.80 17.72
CA LEU A 115 -3.84 11.06 16.99
C LEU A 115 -5.16 11.14 16.22
N LEU A 116 -5.76 12.34 16.17
CA LEU A 116 -6.85 12.62 15.24
C LEU A 116 -6.35 13.64 14.19
N LEU A 117 -6.32 13.23 12.92
CA LEU A 117 -5.92 14.10 11.81
C LEU A 117 -7.16 14.76 11.22
N TYR A 118 -7.29 16.06 11.45
CA TYR A 118 -8.48 16.82 11.07
C TYR A 118 -8.26 17.48 9.71
N VAL A 119 -8.89 16.90 8.68
CA VAL A 119 -8.82 17.41 7.32
C VAL A 119 -9.94 18.43 7.14
N ASP A 120 -9.58 19.72 7.21
CA ASP A 120 -10.53 20.85 7.39
C ASP A 120 -10.77 21.62 6.10
N ALA A 121 -11.91 21.33 5.45
CA ALA A 121 -12.32 22.04 4.24
C ALA A 121 -13.60 22.81 4.49
N GLY A 122 -13.76 23.89 3.74
CA GLY A 122 -14.99 24.66 3.74
C GLY A 122 -16.06 23.99 2.90
N PRO A 123 -17.32 24.32 3.18
CA PRO A 123 -18.48 23.63 2.56
C PRO A 123 -18.68 23.93 1.08
N GLU A 124 -18.20 25.08 0.62
CA GLU A 124 -18.23 25.38 -0.79
C GLU A 124 -17.25 24.46 -1.54
N THR A 125 -16.03 24.33 -1.01
CA THR A 125 -15.04 23.35 -1.57
C THR A 125 -15.59 21.94 -1.56
N MET A 126 -16.20 21.53 -0.45
CA MET A 126 -16.76 20.17 -0.36
C MET A 126 -17.80 19.91 -1.44
N THR A 127 -18.74 20.83 -1.58
CA THR A 127 -19.79 20.81 -2.60
C THR A 127 -19.23 20.77 -4.02
N GLN A 128 -18.19 21.58 -4.32
CA GLN A 128 -17.53 21.56 -5.64
C GLN A 128 -16.97 20.18 -5.97
N ARG A 129 -16.26 19.56 -5.03
CA ARG A 129 -15.60 18.25 -5.28
C ARG A 129 -16.63 17.14 -5.45
N LEU A 130 -17.70 17.17 -4.65
CA LEU A 130 -18.72 16.14 -4.76
C LEU A 130 -19.55 16.30 -6.06
N LEU A 131 -19.84 17.54 -6.48
CA LEU A 131 -20.57 17.75 -7.72
C LEU A 131 -19.71 17.27 -8.90
N LYS A 132 -18.41 17.55 -8.80
CA LYS A 132 -17.44 17.07 -9.80
C LYS A 132 -17.40 15.56 -9.85
N ARG A 133 -17.31 14.91 -8.69
CA ARG A 133 -17.29 13.42 -8.66
C ARG A 133 -18.59 12.85 -9.21
N GLY A 134 -19.70 13.55 -8.94
CA GLY A 134 -21.01 13.14 -9.39
C GLY A 134 -21.23 13.20 -10.89
N GLU A 135 -20.35 13.90 -11.62
CA GLU A 135 -20.36 13.87 -13.08
C GLU A 135 -20.01 12.49 -13.66
N THR A 136 -19.46 11.57 -12.85
CA THR A 136 -19.32 10.17 -13.28
C THR A 136 -20.14 9.23 -12.38
N SER A 137 -20.58 8.10 -12.92
CA SER A 137 -21.38 7.16 -12.11
C SER A 137 -20.51 6.51 -11.01
N GLY A 138 -21.16 5.84 -10.04
CA GLY A 138 -20.47 5.12 -9.00
C GLY A 138 -20.79 5.51 -7.55
N ARG A 139 -21.13 6.77 -7.30
CA ARG A 139 -21.52 7.18 -5.92
C ARG A 139 -22.85 7.95 -6.01
N VAL A 140 -23.98 7.23 -5.94
CA VAL A 140 -25.28 7.84 -6.14
C VAL A 140 -25.62 8.81 -5.01
N ASP A 141 -24.93 8.68 -3.86
CA ASP A 141 -25.04 9.68 -2.80
C ASP A 141 -24.41 11.05 -3.12
N ASP A 142 -23.73 11.21 -4.26
CA ASP A 142 -23.27 12.54 -4.72
C ASP A 142 -24.38 13.35 -5.38
N ASN A 143 -25.63 12.85 -5.34
CA ASN A 143 -26.83 13.62 -5.78
C ASN A 143 -26.83 14.98 -5.03
N GLU A 144 -27.05 16.08 -5.76
CA GLU A 144 -26.91 17.42 -5.19
C GLU A 144 -27.74 17.61 -3.92
N GLU A 145 -28.95 17.03 -3.87
CA GLU A 145 -29.74 17.14 -2.64
C GLU A 145 -29.13 16.31 -1.51
N THR A 146 -28.53 15.17 -1.83
CA THR A 146 -27.88 14.32 -0.83
C THR A 146 -26.59 14.98 -0.31
N ILE A 147 -25.88 15.68 -1.19
CA ILE A 147 -24.70 16.49 -0.74
C ILE A 147 -25.09 17.42 0.43
N LYS A 148 -26.21 18.10 0.29
CA LYS A 148 -26.68 19.02 1.32
C LYS A 148 -26.94 18.31 2.64
N LYS A 149 -27.61 17.15 2.59
CA LYS A 149 -27.91 16.37 3.79
C LYS A 149 -26.64 15.83 4.42
N ARG A 150 -25.67 15.41 3.61
CA ARG A 150 -24.40 14.93 4.16
C ARG A 150 -23.63 16.04 4.90
N LEU A 151 -23.66 17.26 4.36
CA LEU A 151 -23.01 18.42 5.01
C LEU A 151 -23.73 18.73 6.32
N GLU A 152 -25.05 18.73 6.30
CA GLU A 152 -25.82 18.99 7.53
C GLU A 152 -25.47 17.99 8.63
N THR A 153 -25.47 16.71 8.28
CA THR A 153 -25.09 15.64 9.21
C THR A 153 -23.69 15.83 9.77
N TYR A 154 -22.74 16.20 8.92
CA TYR A 154 -21.35 16.47 9.35
C TYR A 154 -21.25 17.59 10.39
N TYR A 155 -21.90 18.73 10.16
CA TYR A 155 -21.80 19.82 11.13
C TYR A 155 -22.54 19.50 12.43
N LYS A 156 -23.65 18.77 12.34
CA LYS A 156 -24.46 18.47 13.52
C LYS A 156 -23.77 17.45 14.44
N ALA A 157 -23.35 16.31 13.86
CA ALA A 157 -22.88 15.14 14.60
C ALA A 157 -21.35 15.01 14.63
N THR A 158 -20.70 15.34 13.52
CA THR A 158 -19.26 15.08 13.39
C THR A 158 -18.33 16.22 13.86
N GLU A 159 -18.67 17.49 13.60
CA GLU A 159 -17.83 18.58 14.18
C GLU A 159 -17.61 18.49 15.70
N PRO A 160 -18.66 18.19 16.48
CA PRO A 160 -18.48 17.95 17.91
C PRO A 160 -17.40 16.90 18.27
N VAL A 161 -17.16 15.90 17.42
CA VAL A 161 -16.05 14.96 17.63
C VAL A 161 -14.69 15.68 17.73
N ILE A 162 -14.43 16.61 16.83
CA ILE A 162 -13.12 17.31 16.75
C ILE A 162 -12.81 18.06 18.04
N ALA A 163 -13.82 18.78 18.51
CA ALA A 163 -13.74 19.56 19.71
C ALA A 163 -13.46 18.69 20.95
N PHE A 164 -14.08 17.53 20.99
CA PHE A 164 -13.89 16.53 22.05
C PHE A 164 -12.40 16.09 22.11
N TYR A 165 -11.88 15.66 20.98
CA TYR A 165 -10.46 15.20 20.90
C TYR A 165 -9.46 16.36 20.98
N GLU A 166 -9.93 17.56 20.65
CA GLU A 166 -9.07 18.72 20.76
C GLU A 166 -8.74 18.96 22.22
N LYS A 167 -9.76 18.90 23.08
CA LYS A 167 -9.58 19.01 24.51
C LYS A 167 -8.63 17.96 25.09
N ARG A 168 -8.71 16.74 24.57
CA ARG A 168 -7.80 15.69 24.99
C ARG A 168 -6.36 15.92 24.56
N GLY A 169 -6.14 16.72 23.53
CA GLY A 169 -4.78 17.09 23.13
C GLY A 169 -4.19 16.32 21.97
N ILE A 170 -5.03 15.65 21.17
CA ILE A 170 -4.56 14.74 20.13
C ILE A 170 -4.89 15.18 18.72
N VAL A 171 -5.43 16.40 18.56
CA VAL A 171 -5.78 16.86 17.21
C VAL A 171 -4.61 17.62 16.48
N ARG A 172 -4.35 17.20 15.24
CA ARG A 172 -3.44 17.92 14.34
C ARG A 172 -4.22 18.23 13.07
N LYS A 173 -4.28 19.53 12.77
CA LYS A 173 -5.18 20.06 11.76
C LYS A 173 -4.44 20.38 10.48
N VAL A 174 -5.02 19.99 9.35
CA VAL A 174 -4.50 20.36 8.05
C VAL A 174 -5.56 21.12 7.28
N ASN A 175 -5.09 22.12 6.55
CA ASN A 175 -5.94 22.94 5.71
C ASN A 175 -6.18 22.15 4.42
N ALA A 176 -7.42 21.77 4.19
CA ALA A 176 -7.80 20.83 3.16
C ALA A 176 -8.03 21.45 1.79
N GLU A 177 -7.94 22.77 1.71
CA GLU A 177 -8.01 23.52 0.46
C GLU A 177 -6.66 23.44 -0.30
N GLY A 178 -6.72 23.51 -1.64
CA GLY A 178 -5.51 23.53 -2.48
C GLY A 178 -5.31 22.24 -3.23
N SER A 179 -4.11 22.05 -3.76
CA SER A 179 -3.74 20.83 -4.47
C SER A 179 -3.55 19.67 -3.51
N VAL A 180 -3.71 18.47 -4.02
CA VAL A 180 -3.45 17.26 -3.23
C VAL A 180 -2.02 17.28 -2.66
N ASP A 181 -1.06 17.66 -3.47
CA ASP A 181 0.31 17.73 -2.97
C ASP A 181 0.47 18.75 -1.82
N SER A 182 -0.20 19.90 -1.91
CA SER A 182 -0.07 20.93 -0.85
C SER A 182 -0.71 20.52 0.48
N VAL A 183 -1.83 19.81 0.40
CA VAL A 183 -2.47 19.24 1.57
C VAL A 183 -1.60 18.13 2.18
N PHE A 184 -1.05 17.27 1.35
CA PHE A 184 -0.23 16.17 1.82
C PHE A 184 1.06 16.66 2.47
N SER A 185 1.63 17.74 1.97
CA SER A 185 2.79 18.36 2.59
CA SER A 185 2.80 18.34 2.61
C SER A 185 2.53 18.70 4.08
N GLN A 186 1.35 19.24 4.37
CA GLN A 186 0.96 19.55 5.74
C GLN A 186 0.81 18.27 6.59
N VAL A 187 0.10 17.31 6.04
CA VAL A 187 -0.08 15.99 6.68
C VAL A 187 1.28 15.42 7.11
N CYS A 188 2.26 15.45 6.19
CA CYS A 188 3.58 14.92 6.45
C CYS A 188 4.31 15.66 7.56
N THR A 189 4.22 16.99 7.61
CA THR A 189 4.82 17.78 8.71
C THR A 189 4.34 17.32 10.10
N HIS A 190 3.04 17.16 10.23
CA HIS A 190 2.44 16.65 11.45
C HIS A 190 2.83 15.20 11.78
N LEU A 191 2.72 14.29 10.80
CA LEU A 191 3.09 12.88 11.02
C LEU A 191 4.58 12.69 11.30
N ASP A 192 5.41 13.45 10.60
CA ASP A 192 6.86 13.35 10.78
C ASP A 192 7.29 13.83 12.17
N ALA A 193 6.48 14.70 12.78
CA ALA A 193 6.72 15.17 14.14
C ALA A 193 6.62 14.04 15.16
N LEU A 194 5.79 13.03 14.89
CA LEU A 194 5.58 11.88 15.80
C LEU A 194 6.15 10.56 15.35
N LEU A 195 6.26 10.35 14.05
CA LEU A 195 6.50 9.00 13.52
C LEU A 195 7.97 8.81 13.13
N GLU B 3 18.85 -23.52 5.83
CA GLU B 3 19.13 -22.22 6.53
C GLU B 3 20.30 -22.31 7.52
N GLU B 4 21.22 -23.24 7.31
CA GLU B 4 22.58 -23.09 7.83
C GLU B 4 23.43 -22.69 6.63
N LYS B 5 23.34 -23.48 5.56
CA LYS B 5 23.99 -23.13 4.28
C LYS B 5 23.51 -21.78 3.76
N LEU B 6 22.20 -21.53 3.84
CA LEU B 6 21.65 -20.25 3.39
C LEU B 6 22.16 -19.11 4.25
N LYS B 7 23.02 -19.40 5.23
CA LYS B 7 23.52 -18.42 6.21
C LYS B 7 25.00 -18.12 6.08
N LYS B 8 25.73 -18.95 5.35
CA LYS B 8 27.06 -18.59 4.89
C LYS B 8 26.99 -17.91 3.50
N THR B 9 25.81 -17.88 2.89
CA THR B 9 25.66 -17.38 1.52
C THR B 9 24.98 -16.01 1.55
N ASN B 10 25.58 -15.05 0.87
CA ASN B 10 25.04 -13.70 0.82
C ASN B 10 23.76 -13.64 0.01
N ILE B 11 22.81 -12.88 0.54
CA ILE B 11 21.53 -12.63 -0.13
C ILE B 11 21.37 -11.11 -0.38
N ILE B 12 21.15 -10.72 -1.65
CA ILE B 12 20.92 -9.35 -2.03
C ILE B 12 19.51 -9.20 -2.56
N PHE B 13 18.65 -8.45 -1.87
CA PHE B 13 17.35 -8.15 -2.43
C PHE B 13 17.57 -7.08 -3.52
N VAL B 14 16.97 -7.25 -4.67
CA VAL B 14 17.05 -6.25 -5.73
C VAL B 14 15.59 -5.80 -5.98
N VAL B 15 15.35 -4.50 -5.77
CA VAL B 15 13.99 -3.91 -5.77
C VAL B 15 13.93 -2.83 -6.85
N GLY B 16 12.86 -2.85 -7.62
CA GLY B 16 12.60 -1.72 -8.52
C GLY B 16 11.25 -1.84 -9.16
N GLY B 17 10.75 -0.76 -9.73
CA GLY B 17 9.43 -0.75 -10.35
C GLY B 17 9.29 -1.47 -11.68
N PRO B 18 8.02 -1.52 -12.18
CA PRO B 18 7.77 -2.13 -13.48
C PRO B 18 8.54 -1.41 -14.57
N GLY B 19 9.40 -2.14 -15.24
CA GLY B 19 10.25 -1.59 -16.29
C GLY B 19 11.43 -0.77 -15.81
N SER B 20 11.77 -0.88 -14.52
CA SER B 20 12.95 -0.20 -13.94
C SER B 20 14.26 -0.66 -14.54
N GLY B 21 14.28 -1.85 -15.12
CA GLY B 21 15.49 -2.45 -15.67
C GLY B 21 16.28 -3.28 -14.65
N LYS B 22 15.67 -3.56 -13.50
CA LYS B 22 16.32 -4.39 -12.48
C LYS B 22 16.77 -5.77 -13.00
N GLY B 23 16.07 -6.35 -13.97
CA GLY B 23 16.39 -7.67 -14.46
C GLY B 23 17.63 -7.66 -15.31
N THR B 24 17.69 -6.67 -16.22
CA THR B 24 18.83 -6.39 -17.08
C THR B 24 20.10 -6.18 -16.26
N GLN B 25 20.00 -5.34 -15.25
CA GLN B 25 21.09 -5.14 -14.30
C GLN B 25 21.50 -6.43 -13.54
N CYS B 26 20.53 -7.26 -13.17
CA CYS B 26 20.84 -8.49 -12.43
C CYS B 26 21.62 -9.44 -13.32
N GLU B 27 21.28 -9.47 -14.62
CA GLU B 27 22.04 -10.29 -15.57
C GLU B 27 23.48 -9.81 -15.77
N LYS B 28 23.71 -8.50 -15.72
CA LYS B 28 25.06 -7.92 -15.74
C LYS B 28 25.84 -8.31 -14.47
N ILE B 29 25.17 -8.28 -13.33
CA ILE B 29 25.76 -8.68 -12.02
C ILE B 29 26.22 -10.15 -12.06
N VAL B 30 25.38 -11.02 -12.63
CA VAL B 30 25.71 -12.41 -12.74
C VAL B 30 27.03 -12.54 -13.52
N GLN B 31 27.12 -11.81 -14.64
CA GLN B 31 28.30 -11.87 -15.50
C GLN B 31 29.60 -11.47 -14.81
N LYS B 32 29.52 -10.42 -13.99
CA LYS B 32 30.71 -9.85 -13.34
CA LYS B 32 30.71 -9.86 -13.34
C LYS B 32 31.04 -10.50 -12.00
N TYR B 33 30.01 -10.77 -11.20
CA TYR B 33 30.21 -11.20 -9.81
C TYR B 33 29.89 -12.66 -9.55
N GLY B 34 29.24 -13.33 -10.52
CA GLY B 34 28.95 -14.77 -10.43
C GLY B 34 27.88 -15.25 -9.47
N TYR B 35 27.06 -14.31 -8.96
CA TYR B 35 25.89 -14.58 -8.11
C TYR B 35 24.78 -15.32 -8.93
N THR B 36 23.85 -15.96 -8.22
CA THR B 36 22.69 -16.66 -8.84
C THR B 36 21.50 -15.70 -8.93
N HIS B 37 21.01 -15.47 -10.14
CA HIS B 37 19.87 -14.57 -10.34
C HIS B 37 18.55 -15.36 -10.33
N LEU B 38 17.72 -15.12 -9.34
CA LEU B 38 16.38 -15.67 -9.26
C LEU B 38 15.43 -14.48 -9.38
N SER B 39 14.52 -14.52 -10.36
CA SER B 39 13.50 -13.47 -10.47
C SER B 39 12.15 -14.07 -10.10
N THR B 40 11.43 -13.45 -9.17
CA THR B 40 10.13 -13.98 -8.80
C THR B 40 9.14 -13.93 -9.99
N GLY B 41 9.20 -12.86 -10.80
CA GLY B 41 8.33 -12.76 -11.97
C GLY B 41 8.58 -13.91 -12.94
N ASP B 42 9.86 -14.24 -13.16
CA ASP B 42 10.24 -15.35 -14.05
CA ASP B 42 10.22 -15.32 -14.03
C ASP B 42 9.71 -16.68 -13.51
N LEU B 43 9.78 -16.89 -12.21
CA LEU B 43 9.30 -18.14 -11.60
C LEU B 43 7.76 -18.26 -11.75
N LEU B 44 7.08 -17.15 -11.54
CA LEU B 44 5.62 -17.11 -11.70
C LEU B 44 5.25 -17.40 -13.17
N ARG B 45 5.97 -16.81 -14.09
CA ARG B 45 5.70 -17.00 -15.52
C ARG B 45 5.96 -18.45 -15.96
N SER B 46 6.93 -19.13 -15.34
CA SER B 46 7.15 -20.55 -15.61
C SER B 46 5.99 -21.42 -15.17
N GLU B 47 5.39 -21.09 -14.02
CA GLU B 47 4.20 -21.80 -13.54
C GLU B 47 3.02 -21.55 -14.47
N VAL B 48 2.87 -20.32 -14.96
CA VAL B 48 1.83 -20.03 -15.93
C VAL B 48 1.95 -20.95 -17.10
N SER B 49 3.18 -21.12 -17.58
CA SER B 49 3.46 -21.91 -18.78
C SER B 49 3.25 -23.39 -18.60
N SER B 50 3.22 -23.87 -17.36
CA SER B 50 3.02 -25.29 -17.10
C SER B 50 1.60 -25.72 -17.48
N GLY B 51 0.66 -24.79 -17.58
CA GLY B 51 -0.72 -25.17 -17.85
C GLY B 51 -1.54 -25.62 -16.65
N SER B 52 -0.97 -25.58 -15.46
CA SER B 52 -1.72 -25.94 -14.26
C SER B 52 -2.87 -24.97 -14.06
N ALA B 53 -3.91 -25.38 -13.33
CA ALA B 53 -4.99 -24.47 -12.93
C ALA B 53 -4.43 -23.28 -12.13
N ARG B 54 -3.46 -23.51 -11.26
CA ARG B 54 -2.94 -22.40 -10.50
C ARG B 54 -2.12 -21.42 -11.36
N GLY B 55 -1.39 -21.95 -12.34
CA GLY B 55 -0.77 -21.16 -13.37
C GLY B 55 -1.75 -20.23 -14.09
N LYS B 56 -2.98 -20.68 -14.31
CA LYS B 56 -4.00 -19.85 -14.95
C LYS B 56 -4.45 -18.71 -14.05
N LYS B 57 -4.60 -19.03 -12.76
CA LYS B 57 -4.88 -18.00 -11.75
C LYS B 57 -3.75 -16.98 -11.61
N LEU B 58 -2.50 -17.41 -11.61
CA LEU B 58 -1.37 -16.51 -11.51
C LEU B 58 -1.33 -15.57 -12.71
N SER B 59 -1.65 -16.10 -13.89
CA SER B 59 -1.70 -15.25 -15.07
C SER B 59 -2.74 -14.13 -14.93
N GLU B 60 -3.94 -14.47 -14.46
CA GLU B 60 -5.01 -13.48 -14.28
C GLU B 60 -4.59 -12.35 -13.33
N ILE B 61 -3.95 -12.73 -12.23
CA ILE B 61 -3.52 -11.72 -11.25
C ILE B 61 -2.44 -10.80 -11.88
N MET B 62 -1.46 -11.38 -12.54
CA MET B 62 -0.42 -10.58 -13.20
C MET B 62 -0.96 -9.72 -14.35
N GLU B 63 -2.02 -10.15 -15.04
CA GLU B 63 -2.59 -9.39 -16.15
C GLU B 63 -3.45 -8.24 -15.62
N LYS B 64 -3.84 -8.35 -14.35
CA LYS B 64 -4.53 -7.27 -13.63
C LYS B 64 -3.53 -6.29 -12.94
N GLY B 65 -2.23 -6.58 -13.05
CA GLY B 65 -1.15 -5.81 -12.43
C GLY B 65 -1.05 -5.91 -10.93
N GLN B 66 -1.59 -6.99 -10.36
CA GLN B 66 -1.67 -7.13 -8.89
C GLN B 66 -0.54 -7.99 -8.41
N LEU B 67 -0.31 -7.96 -7.09
CA LEU B 67 0.65 -8.87 -6.44
C LEU B 67 0.04 -10.25 -6.27
N VAL B 68 0.81 -11.29 -6.59
CA VAL B 68 0.46 -12.67 -6.26
C VAL B 68 0.55 -12.91 -4.71
N PRO B 69 -0.30 -13.78 -4.17
CA PRO B 69 -0.21 -14.05 -2.72
C PRO B 69 1.20 -14.40 -2.24
N LEU B 70 1.56 -13.87 -1.07
CA LEU B 70 2.91 -13.97 -0.51
C LEU B 70 3.40 -15.42 -0.34
N GLU B 71 2.56 -16.27 0.24
CA GLU B 71 2.92 -17.67 0.51
C GLU B 71 3.27 -18.39 -0.78
N THR B 72 2.45 -18.19 -1.81
CA THR B 72 2.75 -18.78 -3.10
C THR B 72 4.11 -18.39 -3.63
N VAL B 73 4.42 -17.11 -3.61
CA VAL B 73 5.68 -16.61 -4.17
CA VAL B 73 5.69 -16.58 -4.13
C VAL B 73 6.88 -17.03 -3.29
N LEU B 74 6.74 -16.94 -1.97
CA LEU B 74 7.81 -17.30 -1.07
C LEU B 74 8.13 -18.80 -1.13
N ASP B 75 7.10 -19.64 -1.20
CA ASP B 75 7.32 -21.09 -1.34
C ASP B 75 8.11 -21.40 -2.61
N MET B 76 7.78 -20.77 -3.75
CA MET B 76 8.51 -20.95 -5.01
C MET B 76 9.93 -20.44 -4.96
N LEU B 77 10.11 -19.30 -4.30
CA LEU B 77 11.44 -18.75 -4.12
C LEU B 77 12.32 -19.68 -3.23
N ARG B 78 11.77 -20.16 -2.13
CA ARG B 78 12.49 -21.09 -1.26
C ARG B 78 13.01 -22.28 -2.05
N ASP B 79 12.12 -22.93 -2.81
CA ASP B 79 12.51 -24.13 -3.55
C ASP B 79 13.62 -23.85 -4.58
N ALA B 80 13.55 -22.71 -5.26
CA ALA B 80 14.57 -22.29 -6.24
C ALA B 80 15.94 -22.04 -5.60
N MET B 81 15.94 -21.44 -4.40
CA MET B 81 17.15 -21.31 -3.57
C MET B 81 17.73 -22.63 -3.10
N VAL B 82 16.90 -23.56 -2.62
CA VAL B 82 17.41 -24.83 -2.09
C VAL B 82 18.06 -25.67 -3.21
N ALA B 83 17.52 -25.51 -4.41
CA ALA B 83 18.00 -26.21 -5.59
C ALA B 83 19.38 -25.72 -6.01
N LYS B 84 19.76 -24.50 -5.61
CA LYS B 84 21.03 -23.88 -6.02
C LYS B 84 22.04 -23.67 -4.89
N VAL B 85 21.65 -23.88 -3.64
CA VAL B 85 22.48 -23.40 -2.53
C VAL B 85 23.83 -24.13 -2.36
N ASN B 86 23.91 -25.41 -2.68
CA ASN B 86 25.20 -26.08 -2.58
C ASN B 86 26.26 -25.60 -3.58
N THR B 87 25.85 -24.95 -4.66
CA THR B 87 26.81 -24.47 -5.64
C THR B 87 26.86 -22.94 -5.80
N SER B 88 25.98 -22.20 -5.13
CA SER B 88 25.84 -20.77 -5.38
C SER B 88 26.94 -19.99 -4.68
N LYS B 89 27.38 -18.89 -5.30
CA LYS B 89 28.34 -17.93 -4.71
C LYS B 89 27.61 -16.79 -4.00
N GLY B 90 26.29 -16.79 -4.11
CA GLY B 90 25.47 -15.72 -3.59
C GLY B 90 24.21 -15.56 -4.40
N PHE B 91 23.21 -14.97 -3.78
CA PHE B 91 21.87 -14.86 -4.39
C PHE B 91 21.50 -13.42 -4.67
N LEU B 92 20.97 -13.20 -5.86
CA LEU B 92 20.28 -11.96 -6.21
C LEU B 92 18.82 -12.27 -6.26
N ILE B 93 18.04 -11.71 -5.33
CA ILE B 93 16.61 -11.95 -5.31
C ILE B 93 15.93 -10.77 -5.99
N ASP B 94 15.60 -10.94 -7.26
CA ASP B 94 15.07 -9.90 -8.14
C ASP B 94 13.53 -9.79 -8.07
N GLY B 95 13.03 -8.67 -7.52
CA GLY B 95 11.60 -8.40 -7.45
C GLY B 95 10.95 -8.92 -6.19
N TYR B 96 11.77 -9.21 -5.19
CA TYR B 96 11.33 -9.56 -3.82
C TYR B 96 12.25 -8.78 -2.84
N PRO B 97 11.69 -8.20 -1.75
CA PRO B 97 10.28 -8.08 -1.36
C PRO B 97 9.55 -6.85 -1.97
N ARG B 98 8.25 -7.01 -2.17
CA ARG B 98 7.37 -5.95 -2.72
C ARG B 98 6.58 -5.19 -1.66
N GLU B 99 6.55 -5.79 -0.47
CA GLU B 99 5.88 -5.20 0.68
CA GLU B 99 5.87 -5.23 0.69
C GLU B 99 6.73 -5.51 1.91
N VAL B 100 6.59 -4.69 2.93
CA VAL B 100 7.29 -4.92 4.19
C VAL B 100 7.07 -6.34 4.70
N GLN B 101 5.83 -6.79 4.69
CA GLN B 101 5.53 -8.15 5.12
C GLN B 101 6.30 -9.25 4.38
N GLN B 102 6.59 -9.03 3.09
CA GLN B 102 7.35 -10.02 2.32
C GLN B 102 8.77 -10.19 2.87
N GLY B 103 9.42 -9.08 3.18
CA GLY B 103 10.77 -9.11 3.79
C GLY B 103 10.75 -9.79 5.17
N GLU B 104 9.78 -9.44 6.01
CA GLU B 104 9.64 -10.02 7.35
C GLU B 104 9.45 -11.55 7.33
N GLU B 105 8.59 -12.00 6.44
CA GLU B 105 8.38 -13.44 6.22
C GLU B 105 9.61 -14.19 5.63
N PHE B 106 10.33 -13.59 4.68
CA PHE B 106 11.56 -14.17 4.12
C PHE B 106 12.62 -14.32 5.23
N GLU B 107 12.78 -13.24 6.00
CA GLU B 107 13.66 -13.25 7.18
C GLU B 107 13.29 -14.31 8.25
N ARG B 108 12.01 -14.48 8.53
CA ARG B 108 11.59 -15.48 9.49
C ARG B 108 11.81 -16.92 9.00
N ARG B 109 11.60 -17.16 7.71
CA ARG B 109 11.56 -18.52 7.20
C ARG B 109 12.84 -18.96 6.48
N ILE B 110 13.52 -18.05 5.78
CA ILE B 110 14.67 -18.44 4.91
C ILE B 110 16.03 -17.93 5.40
N GLY B 111 16.21 -16.62 5.45
CA GLY B 111 17.46 -16.05 5.89
C GLY B 111 17.49 -14.55 5.85
N GLN B 112 18.66 -13.97 6.08
CA GLN B 112 18.79 -12.52 6.28
C GLN B 112 19.51 -11.90 5.10
N PRO B 113 19.02 -10.75 4.63
CA PRO B 113 19.74 -10.04 3.57
C PRO B 113 21.02 -9.31 4.03
N THR B 114 22.05 -9.34 3.20
CA THR B 114 23.26 -8.49 3.40
C THR B 114 23.05 -7.06 2.87
N LEU B 115 22.21 -6.96 1.83
CA LEU B 115 22.00 -5.71 1.08
C LEU B 115 20.64 -5.67 0.36
N LEU B 116 20.01 -4.50 0.34
CA LEU B 116 18.94 -4.21 -0.60
C LEU B 116 19.49 -3.22 -1.67
N LEU B 117 19.65 -3.69 -2.93
CA LEU B 117 20.01 -2.81 -4.05
C LEU B 117 18.75 -2.24 -4.68
N TYR B 118 18.58 -0.92 -4.61
CA TYR B 118 17.36 -0.20 -5.08
C TYR B 118 17.62 0.38 -6.47
N VAL B 119 17.01 -0.21 -7.50
CA VAL B 119 17.08 0.31 -8.85
C VAL B 119 15.92 1.29 -9.04
N ASP B 120 16.22 2.57 -8.84
CA ASP B 120 15.24 3.65 -8.68
C ASP B 120 14.96 4.40 -9.99
N ALA B 121 13.80 4.12 -10.58
CA ALA B 121 13.37 4.69 -11.85
C ALA B 121 12.15 5.59 -11.61
N GLY B 122 12.06 6.66 -12.37
CA GLY B 122 10.84 7.46 -12.42
C GLY B 122 9.72 6.81 -13.23
N PRO B 123 8.47 7.24 -13.00
CA PRO B 123 7.36 6.58 -13.71
C PRO B 123 7.31 6.85 -15.23
N GLU B 124 7.89 7.95 -15.70
CA GLU B 124 7.92 8.26 -17.15
C GLU B 124 8.88 7.33 -17.89
N THR B 125 10.02 7.06 -17.26
CA THR B 125 11.00 6.07 -17.75
C THR B 125 10.41 4.67 -17.78
N MET B 126 9.76 4.29 -16.69
CA MET B 126 9.18 2.98 -16.58
C MET B 126 8.12 2.77 -17.64
N THR B 127 7.28 3.76 -17.83
CA THR B 127 6.24 3.69 -18.85
C THR B 127 6.83 3.59 -20.27
N GLN B 128 7.86 4.39 -20.54
CA GLN B 128 8.48 4.39 -21.85
C GLN B 128 9.05 3.01 -22.16
N ARG B 129 9.69 2.40 -21.17
CA ARG B 129 10.35 1.10 -21.39
C ARG B 129 9.35 -0.02 -21.65
N LEU B 130 8.22 0.00 -20.96
CA LEU B 130 7.21 -1.05 -21.12
C LEU B 130 6.41 -0.82 -22.40
N LEU B 131 6.16 0.43 -22.77
CA LEU B 131 5.53 0.76 -24.05
C LEU B 131 6.42 0.26 -25.20
N LYS B 132 7.72 0.47 -25.05
CA LYS B 132 8.69 0.07 -26.07
C LYS B 132 8.73 -1.45 -26.25
N ARG B 133 8.75 -2.19 -25.14
CA ARG B 133 8.70 -3.65 -25.18
C ARG B 133 7.41 -4.09 -25.87
N GLY B 134 6.29 -3.47 -25.51
CA GLY B 134 5.01 -3.74 -26.19
C GLY B 134 4.89 -3.35 -27.67
N GLU B 135 5.77 -2.51 -28.20
CA GLU B 135 5.67 -2.14 -29.61
C GLU B 135 5.98 -3.31 -30.53
N THR B 136 6.68 -4.31 -29.98
CA THR B 136 7.29 -5.36 -30.78
C THR B 136 7.09 -6.76 -30.18
N SER B 137 7.17 -6.91 -28.86
CA SER B 137 7.03 -8.25 -28.28
C SER B 137 6.65 -8.16 -26.82
N GLY B 138 5.50 -7.54 -26.59
CA GLY B 138 5.02 -7.31 -25.24
C GLY B 138 4.35 -8.57 -24.71
N ARG B 139 4.45 -8.71 -23.39
CA ARG B 139 3.72 -9.70 -22.64
C ARG B 139 2.29 -9.17 -22.52
N VAL B 140 1.34 -10.03 -22.20
CA VAL B 140 -0.02 -9.53 -22.03
C VAL B 140 -0.13 -8.54 -20.85
N ASP B 141 0.77 -8.64 -19.87
CA ASP B 141 0.76 -7.71 -18.73
C ASP B 141 1.45 -6.37 -19.03
N ASP B 142 1.95 -6.22 -20.27
CA ASP B 142 2.47 -4.93 -20.78
C ASP B 142 1.40 -4.05 -21.47
N ASN B 143 0.18 -4.56 -21.52
CA ASN B 143 -0.97 -3.76 -21.93
C ASN B 143 -0.95 -2.40 -21.20
N GLU B 144 -1.20 -1.31 -21.93
CA GLU B 144 -1.04 0.03 -21.37
C GLU B 144 -1.94 0.29 -20.14
N GLU B 145 -3.13 -0.31 -20.11
CA GLU B 145 -4.00 -0.24 -18.90
C GLU B 145 -3.35 -0.97 -17.70
N THR B 146 -2.67 -2.10 -17.97
CA THR B 146 -2.00 -2.87 -16.94
C THR B 146 -0.74 -2.17 -16.43
N ILE B 147 -0.06 -1.42 -17.30
CA ILE B 147 1.09 -0.62 -16.92
C ILE B 147 0.66 0.34 -15.82
N LYS B 148 -0.47 1.01 -16.01
CA LYS B 148 -0.98 1.94 -14.99
C LYS B 148 -1.25 1.26 -13.66
N LYS B 149 -1.83 0.06 -13.71
CA LYS B 149 -2.13 -0.71 -12.50
C LYS B 149 -0.87 -1.16 -11.80
N ARG B 150 0.13 -1.57 -12.59
CA ARG B 150 1.41 -2.04 -12.10
C ARG B 150 2.18 -0.92 -11.39
N LEU B 151 2.18 0.28 -11.98
CA LEU B 151 2.77 1.44 -11.30
C LEU B 151 2.05 1.76 -10.00
N GLU B 152 0.72 1.69 -9.97
CA GLU B 152 -0.04 1.91 -8.75
C GLU B 152 0.32 0.89 -7.70
N THR B 153 0.43 -0.37 -8.11
CA THR B 153 0.76 -1.44 -7.18
C THR B 153 2.14 -1.20 -6.54
N TYR B 154 3.09 -0.83 -7.38
CA TYR B 154 4.44 -0.52 -6.93
C TYR B 154 4.51 0.65 -5.95
N TYR B 155 3.81 1.75 -6.25
CA TYR B 155 3.87 2.98 -5.43
C TYR B 155 3.12 2.87 -4.11
N LYS B 156 2.09 2.02 -4.04
CA LYS B 156 1.42 1.75 -2.77
C LYS B 156 2.33 1.07 -1.74
N ALA B 157 3.22 0.20 -2.17
CA ALA B 157 4.01 -0.59 -1.23
C ALA B 157 5.50 -0.24 -1.07
N THR B 158 6.11 0.53 -1.99
CA THR B 158 7.56 0.57 -2.04
C THR B 158 8.27 1.47 -1.06
N GLU B 159 7.76 2.68 -0.84
CA GLU B 159 8.46 3.61 0.01
C GLU B 159 8.67 3.01 1.42
N PRO B 160 7.66 2.32 2.02
CA PRO B 160 7.89 1.66 3.32
C PRO B 160 8.92 0.52 3.28
N VAL B 161 9.00 -0.21 2.18
CA VAL B 161 10.02 -1.24 2.05
C VAL B 161 11.41 -0.58 2.10
N ILE B 162 11.63 0.47 1.31
CA ILE B 162 12.94 1.21 1.33
C ILE B 162 13.22 1.82 2.68
N ALA B 163 12.21 2.45 3.29
CA ALA B 163 12.34 3.08 4.60
C ALA B 163 12.70 2.09 5.75
N PHE B 164 12.07 0.90 5.70
CA PHE B 164 12.35 -0.24 6.61
C PHE B 164 13.81 -0.69 6.52
N TYR B 165 14.33 -0.89 5.32
CA TYR B 165 15.74 -1.34 5.16
C TYR B 165 16.79 -0.22 5.18
N GLU B 166 16.37 1.01 4.89
CA GLU B 166 17.20 2.19 5.19
C GLU B 166 17.40 2.33 6.69
N LYS B 167 16.38 2.11 7.50
CA LYS B 167 16.51 2.11 8.95
C LYS B 167 17.52 1.04 9.39
N ARG B 168 17.46 -0.13 8.77
CA ARG B 168 18.42 -1.17 9.11
C ARG B 168 19.85 -0.86 8.65
N GLY B 169 20.00 -0.14 7.55
CA GLY B 169 21.30 0.36 7.12
C GLY B 169 21.91 -0.43 5.99
N ILE B 170 21.05 -1.07 5.19
CA ILE B 170 21.50 -1.97 4.14
C ILE B 170 21.03 -1.53 2.75
N VAL B 171 20.49 -0.32 2.59
CA VAL B 171 20.05 0.09 1.24
C VAL B 171 21.19 0.81 0.51
N ARG B 172 21.42 0.41 -0.75
CA ARG B 172 22.30 1.09 -1.68
C ARG B 172 21.52 1.36 -2.96
N LYS B 173 21.39 2.64 -3.30
CA LYS B 173 20.52 3.06 -4.37
C LYS B 173 21.28 3.37 -5.66
N VAL B 174 20.70 3.06 -6.82
CA VAL B 174 21.21 3.56 -8.11
C VAL B 174 20.10 4.27 -8.93
N ASN B 175 20.48 5.30 -9.66
CA ASN B 175 19.61 5.94 -10.65
C ASN B 175 19.39 4.99 -11.81
N ALA B 176 18.15 4.59 -12.03
CA ALA B 176 17.81 3.57 -13.02
C ALA B 176 17.75 4.15 -14.44
N GLU B 177 17.78 5.48 -14.56
CA GLU B 177 17.74 6.12 -15.88
C GLU B 177 19.12 6.14 -16.50
N GLY B 178 19.16 6.19 -17.85
CA GLY B 178 20.41 6.23 -18.61
C GLY B 178 20.59 4.96 -19.36
N SER B 179 21.74 4.81 -20.02
CA SER B 179 22.08 3.55 -20.66
C SER B 179 22.31 2.44 -19.65
N VAL B 180 22.22 1.22 -20.13
CA VAL B 180 22.46 0.04 -19.31
C VAL B 180 23.87 0.10 -18.69
N ASP B 181 24.85 0.53 -19.46
CA ASP B 181 26.21 0.68 -18.96
C ASP B 181 26.36 1.77 -17.89
N SER B 182 25.67 2.90 -18.06
CA SER B 182 25.79 3.94 -17.03
C SER B 182 25.15 3.49 -15.72
N VAL B 183 24.04 2.78 -15.78
CA VAL B 183 23.40 2.26 -14.57
C VAL B 183 24.31 1.23 -13.92
N PHE B 184 24.85 0.33 -14.73
CA PHE B 184 25.70 -0.73 -14.22
C PHE B 184 26.99 -0.21 -13.59
N SER B 185 27.52 0.91 -14.09
CA SER B 185 28.74 1.45 -13.47
C SER B 185 28.48 1.92 -12.03
N GLN B 186 27.28 2.47 -11.79
CA GLN B 186 26.84 2.80 -10.45
C GLN B 186 26.62 1.55 -9.58
N VAL B 187 26.00 0.51 -10.15
CA VAL B 187 25.79 -0.75 -9.42
C VAL B 187 27.14 -1.34 -8.96
N CYS B 188 28.12 -1.33 -9.85
CA CYS B 188 29.47 -1.85 -9.58
C CYS B 188 30.27 -1.10 -8.51
N THR B 189 30.16 0.22 -8.47
CA THR B 189 30.75 1.00 -7.37
C THR B 189 30.26 0.53 -6.01
N HIS B 190 28.96 0.37 -5.89
CA HIS B 190 28.32 -0.13 -4.67
C HIS B 190 28.76 -1.57 -4.37
N LEU B 191 28.68 -2.46 -5.36
CA LEU B 191 29.01 -3.90 -5.13
C LEU B 191 30.50 -4.14 -4.94
N ASP B 192 31.34 -3.38 -5.64
CA ASP B 192 32.79 -3.47 -5.42
C ASP B 192 33.15 -3.10 -3.98
N ALA B 193 32.37 -2.23 -3.34
CA ALA B 193 32.69 -1.85 -1.97
C ALA B 193 32.67 -3.05 -1.04
N LEU B 194 31.76 -4.01 -1.29
CA LEU B 194 31.51 -5.11 -0.36
C LEU B 194 32.03 -6.45 -0.83
N LEU B 195 31.98 -6.69 -2.14
CA LEU B 195 32.21 -8.03 -2.62
C LEU B 195 33.69 -8.24 -2.77
N ASN B 196 34.37 -7.34 -3.44
CA ASN B 196 35.81 -7.53 -3.65
C ASN B 196 36.62 -7.31 -2.35
#